data_1D6D
#
_entry.id   1D6D
#
_cell.length_a   1.000
_cell.length_b   1.000
_cell.length_c   1.000
_cell.angle_alpha   90.00
_cell.angle_beta   90.00
_cell.angle_gamma   90.00
#
_symmetry.space_group_name_H-M   'P 1'
#
_entity_poly.entity_id   1
_entity_poly.type   'polydeoxyribonucleotide'
_entity_poly.pdbx_seq_one_letter_code
;(DA)(DA)(DG)(DG)(DT)(DT)(DT)(DT)(DA)(DA)(DG)(DG)
;
_entity_poly.pdbx_strand_id   A,B
#